data_4GIH
#
_entry.id   4GIH
#
_cell.length_a   36.165
_cell.length_b   74.378
_cell.length_c   105.855
_cell.angle_alpha   90.00
_cell.angle_beta   90.00
_cell.angle_gamma   90.00
#
_symmetry.space_group_name_H-M   'P 21 21 21'
#
loop_
_entity.id
_entity.type
_entity.pdbx_description
1 polymer 'Non-receptor tyrosine-protein kinase TYK2'
2 non-polymer 2,6-dichloro-N-{2-[(cyclopropylcarbonyl)amino]pyridin-4-yl}benzamide
3 water water
#
_entity_poly.entity_id   1
_entity_poly.type   'polypeptide(L)'
_entity_poly.pdbx_seq_one_letter_code
;MGSPASDPTVFHKRYLKKIRDLGEGHFGKVSLYCYDPTNDGTGEMVAVKALKADAGPQHRSGWKQEIDILRTLYHEHIIK
YKGCCEDAGAASLQLVMEYVPLGSLRDYLPRHSIGLAQLLLFAQQICEGMAYLHAQHYIHRNLAARNVLLDNDRLVKIGD
FGLAKAVPEGHEYYRVREDGDSPVFWYAPECLKEYKFYYASDVWSFGVTLYELLTHCDSSQSPPTKFLELIGIAQGQMTV
LRLTELLERGERLPRPDKCPAEVYHLMKNCWETEASFRPTFENLIPILKTVHEKYRHHHHHH
;
_entity_poly.pdbx_strand_id   A
#
# COMPACT_ATOMS: atom_id res chain seq x y z
N THR A 9 -10.84 14.82 -16.90
CA THR A 9 -10.27 14.09 -18.04
C THR A 9 -11.09 12.83 -18.34
N VAL A 10 -11.46 12.65 -19.62
CA VAL A 10 -12.27 11.51 -20.07
C VAL A 10 -11.62 10.69 -21.20
N PHE A 11 -11.62 9.37 -21.04
CA PHE A 11 -11.10 8.39 -22.00
C PHE A 11 -12.29 7.62 -22.57
N HIS A 12 -12.30 7.39 -23.89
CA HIS A 12 -13.37 6.66 -24.57
C HIS A 12 -13.03 5.18 -24.62
N LYS A 13 -14.00 4.32 -24.26
CA LYS A 13 -13.78 2.87 -24.23
C LYS A 13 -13.50 2.24 -25.60
N ARG A 14 -14.00 2.86 -26.67
CA ARG A 14 -13.80 2.43 -28.06
C ARG A 14 -12.33 2.48 -28.53
N TYR A 15 -11.47 3.22 -27.78
CA TYR A 15 -10.05 3.36 -28.10
C TYR A 15 -9.14 2.54 -27.15
N LEU A 16 -9.76 1.86 -26.17
CA LEU A 16 -9.06 1.04 -25.19
C LEU A 16 -8.88 -0.40 -25.64
N LYS A 17 -7.64 -0.78 -25.95
CA LYS A 17 -7.28 -2.13 -26.39
C LYS A 17 -6.63 -2.88 -25.21
N LYS A 18 -7.29 -3.90 -24.68
CA LYS A 18 -6.78 -4.69 -23.56
C LYS A 18 -5.54 -5.50 -23.97
N ILE A 19 -4.47 -5.39 -23.18
CA ILE A 19 -3.21 -6.10 -23.42
C ILE A 19 -3.21 -7.35 -22.52
N ARG A 20 -3.35 -7.15 -21.20
CA ARG A 20 -3.35 -8.21 -20.20
C ARG A 20 -3.91 -7.71 -18.87
N ASP A 21 -4.17 -8.65 -17.95
CA ASP A 21 -4.62 -8.36 -16.60
C ASP A 21 -3.37 -8.08 -15.77
N LEU A 22 -3.46 -7.15 -14.80
CA LEU A 22 -2.32 -6.83 -13.95
C LEU A 22 -2.44 -7.39 -12.54
N GLY A 23 -3.67 -7.56 -12.07
CA GLY A 23 -3.97 -8.10 -10.75
C GLY A 23 -5.31 -7.67 -10.19
N GLU A 24 -5.52 -7.92 -8.90
CA GLU A 24 -6.76 -7.58 -8.21
C GLU A 24 -6.52 -6.56 -7.10
N GLY A 25 -7.21 -5.43 -7.18
CA GLY A 25 -7.14 -4.38 -6.17
C GLY A 25 -8.15 -4.68 -5.07
N HIS A 26 -8.56 -3.66 -4.30
CA HIS A 26 -9.53 -3.88 -3.24
C HIS A 26 -10.98 -4.03 -3.75
N PHE A 27 -11.44 -3.11 -4.63
CA PHE A 27 -12.81 -3.14 -5.17
C PHE A 27 -12.98 -3.88 -6.48
N GLY A 28 -11.88 -4.15 -7.16
CA GLY A 28 -11.92 -4.85 -8.44
C GLY A 28 -10.58 -5.06 -9.09
N LYS A 29 -10.62 -5.51 -10.34
CA LYS A 29 -9.46 -5.85 -11.16
C LYS A 29 -8.82 -4.68 -11.89
N VAL A 30 -7.49 -4.78 -12.07
CA VAL A 30 -6.67 -3.79 -12.77
C VAL A 30 -6.15 -4.48 -14.02
N SER A 31 -6.34 -3.84 -15.18
CA SER A 31 -5.86 -4.36 -16.46
C SER A 31 -4.99 -3.35 -17.15
N LEU A 32 -4.12 -3.84 -18.03
CA LEU A 32 -3.24 -3.02 -18.84
C LEU A 32 -3.87 -2.90 -20.24
N TYR A 33 -4.03 -1.65 -20.69
CA TYR A 33 -4.61 -1.33 -21.99
C TYR A 33 -3.68 -0.39 -22.74
N CYS A 34 -3.79 -0.38 -24.09
CA CYS A 34 -3.13 0.61 -24.92
C CYS A 34 -4.28 1.56 -25.32
N TYR A 35 -4.16 2.85 -24.98
CA TYR A 35 -5.19 3.82 -25.35
C TYR A 35 -4.75 4.36 -26.70
N ASP A 36 -5.41 3.90 -27.77
CA ASP A 36 -4.97 4.17 -29.13
C ASP A 36 -6.03 4.79 -30.08
N PRO A 37 -6.36 6.10 -29.95
CA PRO A 37 -7.39 6.70 -30.83
C PRO A 37 -7.08 6.73 -32.32
N THR A 38 -5.79 6.83 -32.70
CA THR A 38 -5.36 6.85 -34.10
C THR A 38 -5.37 5.44 -34.71
N ASN A 39 -5.41 4.39 -33.86
CA ASN A 39 -5.40 2.97 -34.25
C ASN A 39 -4.05 2.49 -34.84
N ASP A 40 -2.96 3.28 -34.66
CA ASP A 40 -1.63 2.94 -35.18
C ASP A 40 -0.71 2.19 -34.19
N GLY A 41 -1.21 1.96 -32.97
CA GLY A 41 -0.47 1.27 -31.92
C GLY A 41 0.59 2.07 -31.18
N THR A 42 0.64 3.41 -31.40
CA THR A 42 1.61 4.30 -30.75
C THR A 42 1.02 5.01 -29.52
N GLY A 43 -0.16 4.57 -29.10
CA GLY A 43 -0.87 5.13 -27.96
C GLY A 43 -0.22 4.78 -26.64
N GLU A 44 -0.55 5.55 -25.60
CA GLU A 44 -0.02 5.33 -24.26
C GLU A 44 -0.57 4.06 -23.64
N MET A 45 0.26 3.42 -22.83
CA MET A 45 -0.12 2.24 -22.04
C MET A 45 -0.69 2.79 -20.75
N VAL A 46 -1.87 2.31 -20.37
CA VAL A 46 -2.58 2.76 -19.16
C VAL A 46 -3.06 1.60 -18.31
N ALA A 47 -3.05 1.78 -16.99
CA ALA A 47 -3.57 0.78 -16.06
C ALA A 47 -5.01 1.21 -15.74
N VAL A 48 -5.95 0.31 -15.99
CA VAL A 48 -7.37 0.63 -15.80
C VAL A 48 -7.95 -0.24 -14.69
N LYS A 49 -8.42 0.41 -13.61
CA LYS A 49 -9.06 -0.26 -12.49
C LYS A 49 -10.57 -0.17 -12.67
N ALA A 50 -11.24 -1.32 -12.52
CA ALA A 50 -12.68 -1.40 -12.70
C ALA A 50 -13.37 -2.07 -11.52
N LEU A 51 -14.60 -1.63 -11.24
CA LEU A 51 -15.45 -2.16 -10.18
C LEU A 51 -16.20 -3.34 -10.79
N LYS A 52 -16.17 -4.51 -10.15
CA LYS A 52 -16.91 -5.69 -10.63
C LYS A 52 -18.40 -5.34 -10.78
N ALA A 53 -19.01 -5.72 -11.91
CA ALA A 53 -20.40 -5.43 -12.26
C ALA A 53 -21.41 -5.95 -11.23
N ASP A 54 -21.11 -7.09 -10.60
CA ASP A 54 -21.95 -7.76 -9.60
C ASP A 54 -21.91 -7.14 -8.20
N ALA A 55 -20.98 -6.19 -7.95
CA ALA A 55 -20.80 -5.52 -6.66
C ALA A 55 -22.05 -4.78 -6.16
N GLY A 56 -22.25 -4.81 -4.84
CA GLY A 56 -23.37 -4.20 -4.15
C GLY A 56 -23.26 -2.69 -3.95
N PRO A 57 -24.25 -2.06 -3.27
CA PRO A 57 -24.19 -0.60 -3.07
C PRO A 57 -23.09 -0.14 -2.11
N GLN A 58 -22.62 -1.04 -1.21
CA GLN A 58 -21.56 -0.77 -0.24
C GLN A 58 -20.21 -0.59 -0.94
N HIS A 59 -19.89 -1.52 -1.88
CA HIS A 59 -18.66 -1.47 -2.68
C HIS A 59 -18.73 -0.32 -3.68
N ARG A 60 -19.94 0.01 -4.19
CA ARG A 60 -20.16 1.10 -5.15
C ARG A 60 -19.88 2.48 -4.57
N SER A 61 -20.32 2.76 -3.32
CA SER A 61 -20.05 4.03 -2.65
C SER A 61 -18.58 4.16 -2.26
N GLY A 62 -17.96 3.04 -1.93
CA GLY A 62 -16.54 2.97 -1.61
C GLY A 62 -15.67 3.15 -2.84
N TRP A 63 -16.10 2.60 -3.99
CA TRP A 63 -15.40 2.73 -5.27
C TRP A 63 -15.38 4.19 -5.72
N LYS A 64 -16.51 4.90 -5.57
CA LYS A 64 -16.64 6.32 -5.90
C LYS A 64 -15.74 7.16 -4.99
N GLN A 65 -15.57 6.73 -3.72
CA GLN A 65 -14.71 7.38 -2.73
C GLN A 65 -13.24 7.27 -3.14
N GLU A 66 -12.80 6.08 -3.61
CA GLU A 66 -11.43 5.81 -4.08
C GLU A 66 -11.07 6.72 -5.26
N ILE A 67 -11.97 6.81 -6.27
CA ILE A 67 -11.80 7.65 -7.46
C ILE A 67 -11.66 9.12 -7.01
N ASP A 68 -12.57 9.58 -6.11
CA ASP A 68 -12.56 10.94 -5.57
C ASP A 68 -11.25 11.27 -4.89
N ILE A 69 -10.71 10.30 -4.10
CA ILE A 69 -9.44 10.46 -3.39
C ILE A 69 -8.25 10.55 -4.35
N LEU A 70 -8.12 9.62 -5.31
CA LEU A 70 -6.99 9.61 -6.25
C LEU A 70 -6.96 10.83 -7.17
N ARG A 71 -8.15 11.35 -7.52
CA ARG A 71 -8.33 12.55 -8.36
C ARG A 71 -7.75 13.80 -7.67
N THR A 72 -7.81 13.85 -6.32
CA THR A 72 -7.32 14.99 -5.51
C THR A 72 -5.84 14.89 -5.15
N LEU A 73 -5.22 13.71 -5.30
CA LEU A 73 -3.81 13.52 -4.94
C LEU A 73 -2.90 13.76 -6.11
N TYR A 74 -1.80 14.48 -5.86
CA TYR A 74 -0.79 14.80 -6.86
C TYR A 74 0.57 14.85 -6.16
N HIS A 75 1.37 13.80 -6.34
CA HIS A 75 2.70 13.66 -5.74
C HIS A 75 3.57 12.76 -6.59
N GLU A 76 4.89 12.99 -6.58
CA GLU A 76 5.85 12.19 -7.35
C GLU A 76 5.93 10.73 -6.90
N HIS A 77 5.54 10.46 -5.63
CA HIS A 77 5.54 9.10 -5.09
C HIS A 77 4.14 8.55 -4.86
N ILE A 78 3.16 9.06 -5.63
CA ILE A 78 1.77 8.58 -5.62
C ILE A 78 1.40 8.33 -7.06
N ILE A 79 0.92 7.10 -7.38
CA ILE A 79 0.49 6.73 -8.75
C ILE A 79 -0.37 7.85 -9.37
N LYS A 80 -0.03 8.24 -10.60
CA LYS A 80 -0.71 9.32 -11.30
C LYS A 80 -2.09 8.96 -11.84
N TYR A 81 -3.11 9.73 -11.41
CA TYR A 81 -4.47 9.66 -11.91
C TYR A 81 -4.44 10.25 -13.34
N LYS A 82 -5.00 9.54 -14.32
CA LYS A 82 -5.02 9.99 -15.72
C LYS A 82 -6.40 10.49 -16.12
N GLY A 83 -7.42 9.88 -15.56
CA GLY A 83 -8.81 10.22 -15.87
C GLY A 83 -9.75 9.06 -15.61
N CYS A 84 -10.97 9.20 -16.11
CA CYS A 84 -11.98 8.17 -15.96
C CYS A 84 -12.54 7.75 -17.31
N CYS A 85 -13.07 6.53 -17.36
CA CYS A 85 -13.66 5.98 -18.55
C CYS A 85 -15.10 5.58 -18.29
N GLU A 86 -15.99 5.97 -19.21
CA GLU A 86 -17.41 5.67 -19.14
C GLU A 86 -17.60 4.17 -19.43
N ASP A 87 -17.84 3.39 -18.37
CA ASP A 87 -18.09 1.96 -18.49
C ASP A 87 -19.61 1.78 -18.66
N ALA A 88 -20.05 1.56 -19.90
CA ALA A 88 -21.47 1.35 -20.26
C ALA A 88 -22.01 0.10 -19.57
N GLY A 89 -21.17 -0.94 -19.50
CA GLY A 89 -21.43 -2.15 -18.73
C GLY A 89 -21.09 -1.83 -17.29
N ALA A 90 -21.69 -2.53 -16.31
CA ALA A 90 -21.48 -2.27 -14.87
C ALA A 90 -22.02 -0.91 -14.36
N ALA A 91 -22.40 0.01 -15.29
CA ALA A 91 -22.93 1.37 -15.03
C ALA A 91 -22.15 2.08 -13.92
N SER A 92 -20.84 2.26 -14.15
CA SER A 92 -19.92 2.89 -13.22
C SER A 92 -18.76 3.54 -13.96
N LEU A 93 -17.79 4.06 -13.22
CA LEU A 93 -16.60 4.65 -13.80
C LEU A 93 -15.45 3.68 -13.68
N GLN A 94 -14.59 3.67 -14.68
CA GLN A 94 -13.37 2.89 -14.67
C GLN A 94 -12.28 3.90 -14.40
N LEU A 95 -11.39 3.59 -13.45
CA LEU A 95 -10.29 4.46 -13.07
C LEU A 95 -9.06 4.26 -13.99
N VAL A 96 -8.67 5.32 -14.71
CA VAL A 96 -7.53 5.29 -15.64
C VAL A 96 -6.33 5.90 -14.92
N MET A 97 -5.27 5.10 -14.76
CA MET A 97 -4.06 5.51 -14.05
C MET A 97 -2.87 5.28 -14.94
N GLU A 98 -1.73 5.85 -14.57
CA GLU A 98 -0.52 5.62 -15.34
C GLU A 98 -0.07 4.18 -15.18
N TYR A 99 0.54 3.63 -16.22
CA TYR A 99 1.13 2.32 -16.14
C TYR A 99 2.50 2.55 -15.47
N VAL A 100 2.77 1.84 -14.38
CA VAL A 100 4.05 1.97 -13.67
C VAL A 100 4.84 0.75 -14.17
N PRO A 101 5.83 0.98 -15.07
CA PRO A 101 6.46 -0.14 -15.79
C PRO A 101 7.00 -1.37 -15.08
N LEU A 102 7.72 -1.19 -13.96
CA LEU A 102 8.30 -2.36 -13.29
C LEU A 102 7.36 -3.11 -12.35
N GLY A 103 6.18 -2.54 -12.10
CA GLY A 103 5.17 -3.17 -11.27
C GLY A 103 5.46 -3.10 -9.78
N SER A 104 4.77 -3.96 -9.01
CA SER A 104 4.88 -3.97 -7.56
C SER A 104 6.21 -4.49 -7.03
N LEU A 105 6.62 -4.01 -5.85
CA LEU A 105 7.86 -4.49 -5.20
C LEU A 105 7.70 -5.95 -4.79
N ARG A 106 6.45 -6.38 -4.49
CA ARG A 106 6.17 -7.77 -4.12
C ARG A 106 6.54 -8.72 -5.25
N ASP A 107 6.27 -8.33 -6.51
CA ASP A 107 6.56 -9.10 -7.71
C ASP A 107 8.00 -8.91 -8.21
N TYR A 108 8.51 -7.69 -8.09
CA TYR A 108 9.84 -7.32 -8.57
C TYR A 108 11.00 -7.84 -7.72
N LEU A 109 11.01 -7.55 -6.41
CA LEU A 109 12.10 -7.94 -5.49
C LEU A 109 12.50 -9.42 -5.47
N PRO A 110 11.56 -10.41 -5.48
CA PRO A 110 11.98 -11.83 -5.47
C PRO A 110 12.82 -12.23 -6.69
N ARG A 111 12.70 -11.51 -7.80
CA ARG A 111 13.42 -11.81 -9.06
C ARG A 111 14.60 -10.88 -9.36
N HIS A 112 14.71 -9.74 -8.68
CA HIS A 112 15.81 -8.80 -8.92
C HIS A 112 16.43 -8.44 -7.59
N SER A 113 17.66 -8.91 -7.34
CA SER A 113 18.40 -8.63 -6.11
C SER A 113 18.80 -7.17 -6.15
N ILE A 114 18.18 -6.38 -5.27
CA ILE A 114 18.38 -4.94 -5.13
C ILE A 114 19.22 -4.72 -3.85
N GLY A 115 20.19 -3.82 -3.96
CA GLY A 115 21.09 -3.47 -2.87
C GLY A 115 20.40 -2.69 -1.77
N LEU A 116 20.98 -2.77 -0.58
CA LEU A 116 20.50 -2.14 0.64
C LEU A 116 20.23 -0.64 0.48
N ALA A 117 21.15 0.12 -0.14
CA ALA A 117 20.98 1.58 -0.31
C ALA A 117 19.74 1.92 -1.12
N GLN A 118 19.47 1.16 -2.19
CA GLN A 118 18.32 1.34 -3.06
C GLN A 118 17.02 1.03 -2.31
N LEU A 119 17.02 0.02 -1.44
CA LEU A 119 15.84 -0.35 -0.63
C LEU A 119 15.50 0.79 0.34
N LEU A 120 16.54 1.44 0.90
CA LEU A 120 16.40 2.56 1.84
C LEU A 120 15.89 3.79 1.12
N LEU A 121 16.30 3.98 -0.16
CA LEU A 121 15.80 5.07 -0.99
C LEU A 121 14.29 4.86 -1.23
N PHE A 122 13.87 3.62 -1.53
CA PHE A 122 12.45 3.27 -1.73
C PHE A 122 11.66 3.59 -0.44
N ALA A 123 12.21 3.19 0.72
CA ALA A 123 11.63 3.46 2.04
C ALA A 123 11.46 4.99 2.23
N GLN A 124 12.50 5.78 1.93
CA GLN A 124 12.45 7.26 2.02
C GLN A 124 11.31 7.85 1.16
N GLN A 125 11.21 7.40 -0.09
CA GLN A 125 10.19 7.83 -1.05
C GLN A 125 8.79 7.45 -0.61
N ILE A 126 8.63 6.26 -0.02
CA ILE A 126 7.33 5.82 0.53
C ILE A 126 6.91 6.83 1.63
N CYS A 127 7.86 7.20 2.51
CA CYS A 127 7.63 8.17 3.59
C CYS A 127 7.27 9.55 3.05
N GLU A 128 7.94 9.98 1.95
CA GLU A 128 7.61 11.25 1.32
C GLU A 128 6.18 11.28 0.79
N GLY A 129 5.76 10.24 0.09
CA GLY A 129 4.40 10.12 -0.42
C GLY A 129 3.38 9.98 0.69
N MET A 130 3.73 9.24 1.76
CA MET A 130 2.84 9.07 2.91
C MET A 130 2.72 10.37 3.74
N ALA A 131 3.82 11.14 3.87
CA ALA A 131 3.78 12.43 4.60
C ALA A 131 2.86 13.41 3.86
N TYR A 132 2.92 13.42 2.52
CA TYR A 132 2.05 14.25 1.70
C TYR A 132 0.58 13.80 1.91
N LEU A 133 0.31 12.47 1.85
CA LEU A 133 -1.03 11.91 2.04
C LEU A 133 -1.65 12.34 3.37
N HIS A 134 -0.88 12.24 4.46
CA HIS A 134 -1.31 12.63 5.81
C HIS A 134 -1.56 14.15 5.92
N ALA A 135 -0.75 14.96 5.21
CA ALA A 135 -0.89 16.43 5.18
C ALA A 135 -2.18 16.83 4.46
N GLN A 136 -2.69 15.96 3.56
CA GLN A 136 -3.93 16.13 2.81
C GLN A 136 -5.12 15.60 3.62
N HIS A 137 -4.84 15.13 4.85
CA HIS A 137 -5.79 14.58 5.82
C HIS A 137 -6.43 13.26 5.41
N TYR A 138 -5.63 12.36 4.83
CA TYR A 138 -6.07 11.02 4.47
C TYR A 138 -5.19 9.97 5.13
N ILE A 139 -5.78 8.81 5.42
CA ILE A 139 -5.06 7.64 5.92
C ILE A 139 -5.11 6.64 4.79
N HIS A 140 -4.05 5.85 4.59
CA HIS A 140 -4.00 4.87 3.49
C HIS A 140 -4.67 3.56 3.86
N ARG A 141 -4.32 3.00 5.04
CA ARG A 141 -4.92 1.76 5.57
C ARG A 141 -4.54 0.48 4.85
N ASN A 142 -3.66 0.53 3.87
CA ASN A 142 -3.30 -0.70 3.16
C ASN A 142 -1.88 -0.58 2.68
N LEU A 143 -1.00 -0.01 3.50
CA LEU A 143 0.38 0.17 3.10
C LEU A 143 1.14 -1.15 3.20
N ALA A 144 1.49 -1.74 2.05
CA ALA A 144 2.21 -3.01 1.95
C ALA A 144 3.07 -3.00 0.71
N ALA A 145 4.09 -3.87 0.63
CA ALA A 145 4.98 -3.98 -0.55
C ALA A 145 4.22 -4.27 -1.85
N ARG A 146 3.07 -4.94 -1.72
CA ARG A 146 2.16 -5.28 -2.81
C ARG A 146 1.59 -4.01 -3.47
N ASN A 147 1.41 -2.94 -2.67
CA ASN A 147 0.81 -1.68 -3.08
C ASN A 147 1.81 -0.59 -3.43
N VAL A 148 3.09 -0.95 -3.51
CA VAL A 148 4.17 -0.03 -3.87
C VAL A 148 4.69 -0.44 -5.23
N LEU A 149 4.56 0.48 -6.18
CA LEU A 149 4.95 0.26 -7.57
C LEU A 149 6.26 0.93 -7.89
N LEU A 150 7.07 0.24 -8.71
CA LEU A 150 8.40 0.66 -9.13
C LEU A 150 8.39 1.21 -10.54
N ASP A 151 8.70 2.50 -10.70
CA ASP A 151 8.75 3.14 -12.02
C ASP A 151 10.08 2.86 -12.70
N ASN A 152 11.17 2.90 -11.93
CA ASN A 152 12.53 2.59 -12.40
C ASN A 152 13.38 2.21 -11.18
N ASP A 153 14.62 1.73 -11.38
CA ASP A 153 15.56 1.35 -10.30
C ASP A 153 15.73 2.41 -9.16
N ARG A 154 15.33 3.68 -9.40
CA ARG A 154 15.48 4.77 -8.44
C ARG A 154 14.17 5.54 -8.10
N LEU A 155 12.99 5.02 -8.52
CA LEU A 155 11.71 5.69 -8.27
C LEU A 155 10.57 4.73 -7.95
N VAL A 156 9.91 4.98 -6.81
CA VAL A 156 8.80 4.21 -6.28
C VAL A 156 7.54 5.09 -6.18
N LYS A 157 6.35 4.48 -6.32
CA LYS A 157 5.05 5.17 -6.24
C LYS A 157 4.04 4.30 -5.49
N ILE A 158 3.31 4.90 -4.52
CA ILE A 158 2.26 4.24 -3.73
C ILE A 158 0.99 4.09 -4.61
N GLY A 159 0.40 2.89 -4.59
CA GLY A 159 -0.83 2.53 -5.28
C GLY A 159 -1.93 2.08 -4.34
N ASP A 160 -3.04 1.56 -4.92
CA ASP A 160 -4.23 1.06 -4.22
C ASP A 160 -4.73 1.90 -3.06
N PHE A 161 -5.61 2.83 -3.38
CA PHE A 161 -6.24 3.70 -2.42
C PHE A 161 -7.66 3.22 -2.07
N GLY A 162 -7.90 1.93 -2.26
CA GLY A 162 -9.18 1.26 -2.03
C GLY A 162 -9.67 1.27 -0.60
N LEU A 163 -8.74 1.46 0.35
CA LEU A 163 -9.01 1.50 1.77
C LEU A 163 -8.79 2.89 2.35
N ALA A 164 -8.23 3.82 1.53
CA ALA A 164 -7.95 5.20 1.95
C ALA A 164 -9.20 5.93 2.40
N LYS A 165 -9.08 6.67 3.49
CA LYS A 165 -10.19 7.41 4.08
C LYS A 165 -9.78 8.79 4.52
N ALA A 166 -10.70 9.75 4.41
CA ALA A 166 -10.50 11.12 4.86
C ALA A 166 -10.62 11.16 6.38
N VAL A 167 -9.68 11.83 7.04
CA VAL A 167 -9.71 11.99 8.48
C VAL A 167 -10.15 13.44 8.73
N PRO A 168 -11.29 13.67 9.40
CA PRO A 168 -11.72 15.06 9.68
C PRO A 168 -10.65 15.82 10.47
N GLU A 169 -10.49 17.13 10.19
CA GLU A 169 -9.49 18.00 10.83
C GLU A 169 -9.47 17.98 12.38
N GLY A 170 -10.65 17.92 12.99
CA GLY A 170 -10.80 17.85 14.44
C GLY A 170 -10.50 16.48 15.06
N HIS A 171 -10.46 15.43 14.21
CA HIS A 171 -10.22 14.04 14.62
C HIS A 171 -8.80 13.58 14.32
N GLU A 172 -8.28 12.65 15.14
CA GLU A 172 -6.95 12.07 14.92
C GLU A 172 -7.03 10.61 14.45
N TYR A 173 -8.27 10.05 14.41
CA TYR A 173 -8.54 8.68 14.00
C TYR A 173 -9.86 8.53 13.26
N TYR A 174 -9.99 7.41 12.52
CA TYR A 174 -11.18 6.99 11.80
C TYR A 174 -11.55 5.59 12.29
N ARG A 175 -12.82 5.38 12.68
CA ARG A 175 -13.31 4.08 13.17
C ARG A 175 -13.61 3.12 12.04
N VAL A 176 -12.96 1.95 12.05
CA VAL A 176 -13.06 0.92 11.01
C VAL A 176 -14.06 -0.20 11.35
N ARG A 177 -14.52 -0.93 10.33
CA ARG A 177 -15.47 -2.05 10.47
C ARG A 177 -14.73 -3.39 10.63
N GLU A 178 -15.46 -4.42 11.13
CA GLU A 178 -14.95 -5.78 11.26
C GLU A 178 -15.04 -6.39 9.84
N ASP A 179 -13.90 -6.45 9.14
CA ASP A 179 -13.84 -6.90 7.76
C ASP A 179 -12.89 -8.08 7.50
N GLY A 180 -13.35 -9.01 6.65
CA GLY A 180 -12.61 -10.19 6.25
C GLY A 180 -11.42 -9.93 5.34
N ASP A 181 -11.47 -8.82 4.58
CA ASP A 181 -10.41 -8.40 3.66
C ASP A 181 -9.36 -7.45 4.27
N SER A 182 -9.50 -7.11 5.58
CA SER A 182 -8.54 -6.21 6.27
C SER A 182 -7.14 -6.80 6.30
N PRO A 183 -6.10 -6.03 5.96
CA PRO A 183 -4.74 -6.60 5.96
C PRO A 183 -4.17 -6.65 7.39
N VAL A 184 -4.80 -7.48 8.26
CA VAL A 184 -4.46 -7.61 9.69
C VAL A 184 -2.96 -7.77 10.02
N PHE A 185 -2.20 -8.46 9.16
CA PHE A 185 -0.77 -8.72 9.41
C PHE A 185 0.12 -7.50 9.18
N TRP A 186 -0.48 -6.39 8.72
CA TRP A 186 0.17 -5.11 8.49
C TRP A 186 -0.40 -4.06 9.48
N TYR A 187 -1.31 -4.48 10.35
CA TYR A 187 -2.02 -3.60 11.27
C TYR A 187 -1.50 -3.47 12.70
N ALA A 188 -1.52 -2.23 13.20
CA ALA A 188 -1.15 -1.87 14.57
C ALA A 188 -2.20 -2.45 15.56
N PRO A 189 -1.84 -2.66 16.84
CA PRO A 189 -2.81 -3.24 17.79
C PRO A 189 -4.08 -2.41 17.99
N GLU A 190 -3.99 -1.06 17.91
CA GLU A 190 -5.19 -0.22 18.10
C GLU A 190 -6.27 -0.47 17.01
N CYS A 191 -5.83 -0.91 15.82
CA CYS A 191 -6.68 -1.24 14.67
C CYS A 191 -7.36 -2.57 14.89
N LEU A 192 -6.60 -3.55 15.36
CA LEU A 192 -7.06 -4.91 15.59
C LEU A 192 -8.03 -5.02 16.77
N LYS A 193 -7.74 -4.28 17.87
CA LYS A 193 -8.46 -4.33 19.14
C LYS A 193 -9.57 -3.28 19.30
N GLU A 194 -9.29 -2.01 18.97
CA GLU A 194 -10.25 -0.93 19.16
C GLU A 194 -10.93 -0.44 17.87
N TYR A 195 -10.57 -1.04 16.71
CA TYR A 195 -11.07 -0.66 15.38
C TYR A 195 -10.89 0.84 15.06
N LYS A 196 -9.78 1.44 15.53
CA LYS A 196 -9.46 2.85 15.33
C LYS A 196 -8.18 2.95 14.49
N PHE A 197 -8.24 3.74 13.40
CA PHE A 197 -7.10 3.94 12.50
C PHE A 197 -6.61 5.37 12.57
N TYR A 198 -5.45 5.56 13.22
CA TYR A 198 -4.78 6.85 13.40
C TYR A 198 -3.75 7.04 12.28
N TYR A 199 -3.21 8.26 12.14
CA TYR A 199 -2.11 8.53 11.20
C TYR A 199 -0.95 7.61 11.60
N ALA A 200 -0.72 7.44 12.92
CA ALA A 200 0.30 6.56 13.51
C ALA A 200 0.10 5.08 13.14
N SER A 201 -1.12 4.68 12.74
CA SER A 201 -1.39 3.30 12.32
C SER A 201 -0.78 3.01 10.96
N ASP A 202 -0.69 4.05 10.10
CA ASP A 202 -0.06 3.92 8.78
C ASP A 202 1.46 3.78 8.96
N VAL A 203 2.02 4.37 10.04
CA VAL A 203 3.47 4.29 10.33
C VAL A 203 3.83 2.84 10.72
N TRP A 204 2.95 2.20 11.51
CA TRP A 204 3.12 0.78 11.85
C TRP A 204 3.21 -0.05 10.56
N SER A 205 2.22 0.13 9.63
CA SER A 205 2.20 -0.57 8.34
C SER A 205 3.48 -0.32 7.53
N PHE A 206 4.00 0.92 7.57
CA PHE A 206 5.27 1.25 6.92
C PHE A 206 6.42 0.37 7.47
N GLY A 207 6.49 0.22 8.78
CA GLY A 207 7.48 -0.64 9.43
C GLY A 207 7.41 -2.05 8.86
N VAL A 208 6.20 -2.56 8.65
CA VAL A 208 5.97 -3.89 8.07
C VAL A 208 6.44 -3.89 6.60
N THR A 209 6.11 -2.84 5.84
CA THR A 209 6.51 -2.69 4.44
C THR A 209 8.05 -2.67 4.35
N LEU A 210 8.71 -1.95 5.29
CA LEU A 210 10.18 -1.85 5.34
C LEU A 210 10.76 -3.27 5.56
N TYR A 211 10.15 -4.03 6.49
CA TYR A 211 10.52 -5.42 6.78
C TYR A 211 10.44 -6.22 5.48
N GLU A 212 9.31 -6.09 4.74
CA GLU A 212 9.11 -6.80 3.47
C GLU A 212 10.21 -6.47 2.47
N LEU A 213 10.55 -5.18 2.31
CA LEU A 213 11.62 -4.77 1.38
C LEU A 213 12.94 -5.41 1.76
N LEU A 214 13.31 -5.36 3.04
CA LEU A 214 14.55 -5.96 3.54
C LEU A 214 14.63 -7.48 3.41
N THR A 215 13.49 -8.16 3.20
CA THR A 215 13.46 -9.62 3.00
C THR A 215 13.39 -9.93 1.51
N HIS A 216 13.35 -8.88 0.65
CA HIS A 216 13.20 -8.93 -0.81
C HIS A 216 11.86 -9.59 -1.17
N CYS A 217 10.84 -9.32 -0.32
CA CYS A 217 9.49 -9.88 -0.41
C CYS A 217 9.48 -11.41 -0.55
N ASP A 218 10.38 -12.07 0.20
CA ASP A 218 10.48 -13.53 0.22
C ASP A 218 9.20 -14.05 0.87
N SER A 219 8.41 -14.87 0.13
CA SER A 219 7.13 -15.38 0.65
C SER A 219 7.27 -16.22 1.91
N SER A 220 8.38 -16.96 2.05
CA SER A 220 8.67 -17.76 3.24
C SER A 220 8.98 -16.86 4.46
N GLN A 221 9.27 -15.55 4.22
CA GLN A 221 9.54 -14.60 5.30
CA GLN A 221 9.56 -14.57 5.28
C GLN A 221 8.43 -13.55 5.42
N SER A 222 7.36 -13.67 4.62
CA SER A 222 6.25 -12.71 4.63
C SER A 222 5.57 -12.52 6.01
N PRO A 223 4.99 -11.34 6.30
CA PRO A 223 4.28 -11.15 7.56
C PRO A 223 3.20 -12.22 7.85
N PRO A 224 2.32 -12.66 6.90
CA PRO A 224 1.36 -13.74 7.25
C PRO A 224 2.05 -15.05 7.64
N THR A 225 3.11 -15.44 6.90
CA THR A 225 3.86 -16.68 7.19
C THR A 225 4.46 -16.64 8.59
N LYS A 226 5.19 -15.57 8.91
CA LYS A 226 5.85 -15.45 10.20
C LYS A 226 4.89 -15.38 11.38
N PHE A 227 3.83 -14.57 11.28
CA PHE A 227 2.83 -14.46 12.35
C PHE A 227 2.05 -15.76 12.55
N LEU A 228 1.67 -16.44 11.45
CA LEU A 228 0.96 -17.71 11.57
C LEU A 228 1.83 -18.85 12.11
N GLU A 229 3.17 -18.74 11.96
CA GLU A 229 4.11 -19.71 12.57
C GLU A 229 4.03 -19.53 14.09
N LEU A 230 3.83 -18.27 14.56
CA LEU A 230 3.72 -17.95 15.98
C LEU A 230 2.33 -18.28 16.56
N ILE A 231 1.27 -18.03 15.78
CA ILE A 231 -0.12 -18.24 16.21
C ILE A 231 -0.59 -19.70 16.06
N GLY A 232 -0.22 -20.34 14.97
CA GLY A 232 -0.72 -21.66 14.63
C GLY A 232 -1.89 -21.49 13.67
N ILE A 233 -2.27 -22.55 12.98
CA ILE A 233 -3.33 -22.51 11.96
C ILE A 233 -4.66 -23.16 12.37
N ALA A 234 -4.78 -23.56 13.64
CA ALA A 234 -5.98 -24.21 14.18
C ALA A 234 -6.49 -23.46 15.42
N GLN A 235 -6.86 -22.17 15.25
CA GLN A 235 -7.29 -21.32 16.35
C GLN A 235 -8.72 -20.78 16.23
N GLY A 236 -9.62 -21.52 15.58
CA GLY A 236 -11.00 -21.10 15.35
C GLY A 236 -11.07 -19.66 14.81
N GLN A 237 -11.99 -18.87 15.36
CA GLN A 237 -12.17 -17.47 15.03
C GLN A 237 -11.15 -16.57 15.77
N MET A 238 -10.10 -17.16 16.41
CA MET A 238 -9.13 -16.42 17.24
C MET A 238 -7.79 -16.01 16.65
N THR A 239 -7.61 -16.07 15.31
CA THR A 239 -6.32 -15.62 14.74
C THR A 239 -5.99 -14.17 15.15
N VAL A 240 -6.95 -13.24 14.96
CA VAL A 240 -6.76 -11.82 15.26
C VAL A 240 -6.50 -11.56 16.75
N LEU A 241 -7.29 -12.21 17.64
CA LEU A 241 -7.11 -12.10 19.09
C LEU A 241 -5.69 -12.59 19.50
N ARG A 242 -5.22 -13.71 18.92
CA ARG A 242 -3.89 -14.26 19.20
C ARG A 242 -2.79 -13.32 18.64
N LEU A 243 -3.04 -12.71 17.48
CA LEU A 243 -2.12 -11.73 16.90
C LEU A 243 -2.03 -10.52 17.85
N THR A 244 -3.19 -9.99 18.30
CA THR A 244 -3.27 -8.87 19.24
C THR A 244 -2.47 -9.16 20.52
N GLU A 245 -2.64 -10.37 21.09
CA GLU A 245 -1.97 -10.79 22.32
C GLU A 245 -0.44 -10.90 22.18
N LEU A 246 0.07 -11.48 21.07
CA LEU A 246 1.52 -11.56 20.88
C LEU A 246 2.15 -10.17 20.70
N LEU A 247 1.46 -9.26 19.98
CA LEU A 247 1.93 -7.89 19.77
C LEU A 247 1.99 -7.12 21.10
N GLU A 248 0.96 -7.29 21.96
CA GLU A 248 0.91 -6.66 23.28
C GLU A 248 2.04 -7.18 24.19
N ARG A 249 2.43 -8.47 24.03
CA ARG A 249 3.55 -9.10 24.76
C ARG A 249 4.92 -8.59 24.26
N GLY A 250 4.91 -7.76 23.22
CA GLY A 250 6.12 -7.16 22.65
C GLY A 250 6.80 -7.99 21.58
N GLU A 251 6.16 -9.11 21.15
CA GLU A 251 6.70 -9.95 20.08
C GLU A 251 6.55 -9.24 18.75
N ARG A 252 7.56 -9.38 17.91
CA ARG A 252 7.64 -8.69 16.63
C ARG A 252 8.26 -9.57 15.56
N LEU A 253 8.10 -9.17 14.29
CA LEU A 253 8.72 -9.83 13.15
C LEU A 253 10.24 -9.78 13.35
N PRO A 254 10.99 -10.82 12.96
CA PRO A 254 12.43 -10.83 13.23
C PRO A 254 13.25 -9.89 12.34
N ARG A 255 14.51 -9.67 12.70
CA ARG A 255 15.45 -8.87 11.92
C ARG A 255 15.73 -9.63 10.62
N PRO A 256 15.42 -9.06 9.43
CA PRO A 256 15.73 -9.78 8.19
C PRO A 256 17.24 -9.94 8.07
N ASP A 257 17.70 -11.05 7.47
CA ASP A 257 19.13 -11.31 7.28
C ASP A 257 19.77 -10.13 6.54
N LYS A 258 20.98 -9.75 6.94
CA LYS A 258 21.73 -8.63 6.37
C LYS A 258 21.11 -7.23 6.56
N CYS A 259 20.01 -7.11 7.34
CA CYS A 259 19.42 -5.81 7.67
C CYS A 259 20.33 -5.21 8.77
N PRO A 260 20.82 -3.96 8.62
CA PRO A 260 21.67 -3.38 9.69
C PRO A 260 20.89 -3.26 11.00
N ALA A 261 21.58 -3.42 12.13
CA ALA A 261 20.96 -3.36 13.46
C ALA A 261 20.18 -2.06 13.69
N GLU A 262 20.76 -0.90 13.32
CA GLU A 262 20.09 0.39 13.54
C GLU A 262 18.81 0.55 12.74
N VAL A 263 18.76 -0.01 11.51
CA VAL A 263 17.59 -0.03 10.64
C VAL A 263 16.51 -0.90 11.30
N TYR A 264 16.91 -2.04 11.91
CA TYR A 264 15.94 -2.89 12.61
C TYR A 264 15.35 -2.13 13.83
N HIS A 265 16.18 -1.35 14.57
CA HIS A 265 15.69 -0.54 15.69
C HIS A 265 14.74 0.58 15.20
N LEU A 266 14.98 1.17 14.01
CA LEU A 266 14.06 2.15 13.41
C LEU A 266 12.71 1.45 13.14
N MET A 267 12.75 0.24 12.55
CA MET A 267 11.61 -0.61 12.26
C MET A 267 10.79 -0.89 13.53
N LYS A 268 11.49 -1.29 14.62
CA LYS A 268 10.86 -1.57 15.90
C LYS A 268 10.22 -0.32 16.52
N ASN A 269 10.75 0.86 16.21
CA ASN A 269 10.21 2.14 16.69
C ASN A 269 8.90 2.48 15.92
N CYS A 270 8.78 2.02 14.66
CA CYS A 270 7.55 2.13 13.87
C CYS A 270 6.50 1.16 14.47
N TRP A 271 6.99 0.13 15.17
CA TRP A 271 6.16 -0.88 15.80
C TRP A 271 5.97 -0.69 17.29
N GLU A 272 6.00 0.56 17.79
CA GLU A 272 5.76 0.77 19.22
C GLU A 272 4.29 0.42 19.47
N THR A 273 3.99 -0.27 20.58
CA THR A 273 2.61 -0.61 20.93
C THR A 273 1.81 0.67 21.16
N GLU A 274 2.38 1.64 21.88
CA GLU A 274 1.81 2.96 22.14
C GLU A 274 2.01 3.80 20.86
N ALA A 275 0.90 4.13 20.17
CA ALA A 275 0.90 4.88 18.92
C ALA A 275 1.65 6.21 18.96
N SER A 276 1.59 6.93 20.10
CA SER A 276 2.27 8.21 20.29
C SER A 276 3.80 8.09 20.35
N PHE A 277 4.33 6.88 20.61
CA PHE A 277 5.78 6.66 20.68
C PHE A 277 6.38 6.43 19.27
N ARG A 278 5.52 6.22 18.26
CA ARG A 278 5.97 5.99 16.88
C ARG A 278 6.35 7.31 16.18
N PRO A 279 7.35 7.32 15.27
CA PRO A 279 7.64 8.56 14.55
C PRO A 279 6.54 8.87 13.54
N THR A 280 6.43 10.13 13.12
CA THR A 280 5.45 10.48 12.08
C THR A 280 6.22 10.27 10.75
N PHE A 281 5.53 10.31 9.61
CA PHE A 281 6.22 10.20 8.33
C PHE A 281 7.14 11.40 8.10
N GLU A 282 6.73 12.58 8.59
CA GLU A 282 7.57 13.77 8.51
C GLU A 282 8.90 13.57 9.28
N ASN A 283 8.85 12.91 10.46
CA ASN A 283 10.07 12.64 11.24
C ASN A 283 10.98 11.64 10.51
N LEU A 284 10.37 10.68 9.80
CA LEU A 284 11.10 9.60 9.12
C LEU A 284 11.92 10.05 7.90
N ILE A 285 11.45 11.09 7.20
CA ILE A 285 12.13 11.56 5.98
C ILE A 285 13.61 11.95 6.21
N PRO A 286 13.97 12.90 7.13
CA PRO A 286 15.40 13.24 7.29
C PRO A 286 16.25 12.08 7.78
N ILE A 287 15.65 11.21 8.58
CA ILE A 287 16.31 10.02 9.11
C ILE A 287 16.66 9.05 7.99
N LEU A 288 15.67 8.71 7.14
CA LEU A 288 15.91 7.78 6.03
C LEU A 288 16.87 8.32 4.99
N LYS A 289 16.88 9.66 4.77
CA LYS A 289 17.81 10.31 3.86
C LYS A 289 19.25 10.08 4.35
N THR A 290 19.47 10.25 5.65
CA THR A 290 20.78 10.08 6.30
C THR A 290 21.23 8.61 6.23
N VAL A 291 20.31 7.67 6.51
CA VAL A 291 20.57 6.23 6.48
C VAL A 291 20.92 5.79 5.04
N HIS A 292 20.19 6.31 4.04
CA HIS A 292 20.45 6.02 2.64
C HIS A 292 21.85 6.51 2.24
N GLU A 293 22.25 7.71 2.71
CA GLU A 293 23.56 8.32 2.46
C GLU A 293 24.69 7.48 3.04
N LYS A 294 24.50 6.94 4.25
CA LYS A 294 25.48 6.09 4.93
C LYS A 294 25.75 4.82 4.10
N TYR A 295 24.67 4.16 3.63
CA TYR A 295 24.77 2.92 2.88
C TYR A 295 25.03 3.03 1.37
N ARG A 296 24.90 4.23 0.78
CA ARG A 296 25.16 4.40 -0.66
C ARG A 296 26.63 4.37 -1.06
#